data_3EUR
#
_entry.id   3EUR
#
_cell.length_a   33.145
_cell.length_b   43.428
_cell.length_c   98.692
_cell.angle_alpha   90.00
_cell.angle_beta   90.00
_cell.angle_gamma   90.00
#
_symmetry.space_group_name_H-M   'P 21 21 21'
#
loop_
_entity.id
_entity.type
_entity.pdbx_description
1 polymer 'uncharacterized protein'
2 water water
#
_entity_poly.entity_id   1
_entity_poly.type   'polypeptide(L)'
_entity_poly.pdbx_seq_one_letter_code
;SNAKNRLGTKALNFTYTLDSGVKGTLYQFPAEYTLLFINNPGCHACAE(MSE)IEGLKASPVINGFTAAKKLKVLSIYPD
EELDEWKKHRNDFAKEWTNGYDKELVIKNKNLYDLRAIPTLYLLDKNKTVLLKDATLQKVEQYLAE
;
_entity_poly.pdbx_strand_id   A
#
# COMPACT_ATOMS: atom_id res chain seq x y z
N ALA A 3 13.53 10.86 6.06
CA ALA A 3 13.20 12.05 5.33
C ALA A 3 11.71 12.09 4.96
N LYS A 4 10.86 11.61 5.88
CA LYS A 4 9.36 11.62 5.74
C LYS A 4 8.84 11.14 4.39
N ASN A 5 9.48 10.07 3.93
CA ASN A 5 9.05 9.37 2.75
C ASN A 5 9.14 10.28 1.52
N ARG A 6 10.04 11.27 1.50
CA ARG A 6 10.17 12.10 0.34
C ARG A 6 10.79 11.34 -0.82
N LEU A 7 10.52 11.81 -2.04
N LEU A 7 10.47 11.78 -2.03
CA LEU A 7 11.06 11.22 -3.25
CA LEU A 7 11.02 11.26 -3.24
C LEU A 7 12.54 10.96 -3.12
C LEU A 7 12.52 10.98 -3.15
N GLY A 8 12.94 9.76 -3.52
CA GLY A 8 14.33 9.44 -3.59
C GLY A 8 15.00 9.08 -2.27
N THR A 9 14.22 8.98 -1.22
CA THR A 9 14.68 8.53 0.09
C THR A 9 13.97 7.23 0.47
N LYS A 10 14.49 6.53 1.45
CA LYS A 10 13.95 5.24 1.83
C LYS A 10 12.68 5.44 2.66
N ALA A 11 11.61 4.79 2.25
CA ALA A 11 10.35 4.83 3.00
C ALA A 11 10.59 4.33 4.40
N LEU A 12 9.78 4.81 5.34
CA LEU A 12 9.89 4.37 6.72
C LEU A 12 9.39 2.95 6.91
N ASN A 13 10.13 2.14 7.67
CA ASN A 13 9.72 0.78 7.94
C ASN A 13 8.58 0.71 8.90
N PHE A 14 7.87 -0.43 8.89
CA PHE A 14 6.84 -0.75 9.84
C PHE A 14 6.58 -2.23 9.81
N THR A 15 5.98 -2.74 10.88
CA THR A 15 5.52 -4.11 10.99
C THR A 15 4.03 -4.22 10.68
N TYR A 16 3.68 -5.11 9.81
CA TYR A 16 2.31 -5.44 9.50
C TYR A 16 1.97 -6.82 10.01
N THR A 17 0.69 -7.02 10.28
CA THR A 17 0.17 -8.31 10.68
C THR A 17 -0.89 -8.73 9.65
N LEU A 18 -0.79 -9.97 9.16
CA LEU A 18 -1.78 -10.50 8.23
C LEU A 18 -2.97 -11.07 9.00
N ASP A 19 -4.05 -11.32 8.29
CA ASP A 19 -5.18 -12.00 8.91
C ASP A 19 -4.84 -13.31 9.59
N SER A 20 -3.87 -14.02 9.03
CA SER A 20 -3.43 -15.31 9.58
C SER A 20 -2.61 -15.12 10.87
N GLY A 21 -2.21 -13.88 11.19
CA GLY A 21 -1.39 -13.58 12.36
C GLY A 21 0.08 -13.52 12.06
N VAL A 22 0.45 -13.87 10.84
CA VAL A 22 1.84 -13.76 10.43
C VAL A 22 2.27 -12.26 10.48
N LYS A 23 3.49 -12.01 10.96
CA LYS A 23 4.13 -10.67 11.01
C LYS A 23 5.19 -10.53 9.93
N GLY A 24 5.27 -9.34 9.35
CA GLY A 24 6.35 -8.99 8.47
C GLY A 24 6.58 -7.53 8.48
N THR A 25 7.66 -7.09 7.87
CA THR A 25 7.95 -5.70 7.80
C THR A 25 8.04 -5.21 6.37
N LEU A 26 7.92 -3.91 6.18
CA LEU A 26 8.15 -3.33 4.83
C LEU A 26 9.52 -3.73 4.29
N TYR A 27 10.55 -3.60 5.13
CA TYR A 27 11.89 -3.78 4.63
C TYR A 27 12.18 -5.24 4.27
N GLN A 28 11.44 -6.16 4.87
CA GLN A 28 11.56 -7.59 4.57
C GLN A 28 10.74 -8.03 3.32
N PHE A 29 9.93 -7.15 2.76
CA PHE A 29 8.97 -7.50 1.71
C PHE A 29 9.64 -7.50 0.36
N PRO A 30 9.76 -8.67 -0.31
CA PRO A 30 10.54 -8.68 -1.55
C PRO A 30 9.74 -8.34 -2.78
N ALA A 31 10.21 -7.36 -3.54
CA ALA A 31 9.55 -7.01 -4.80
C ALA A 31 10.43 -6.06 -5.58
N GLU A 32 10.50 -6.21 -6.89
CA GLU A 32 11.19 -5.19 -7.71
C GLU A 32 10.53 -3.83 -7.51
N TYR A 33 9.21 -3.83 -7.45
CA TYR A 33 8.41 -2.63 -7.12
C TYR A 33 7.43 -3.01 -6.05
N THR A 34 7.35 -2.22 -4.98
CA THR A 34 6.30 -2.36 -4.01
C THR A 34 5.31 -1.20 -4.19
N LEU A 35 4.04 -1.52 -4.35
CA LEU A 35 2.99 -0.51 -4.34
C LEU A 35 2.34 -0.55 -2.96
N LEU A 36 2.73 0.41 -2.13
CA LEU A 36 2.23 0.53 -0.79
C LEU A 36 0.90 1.29 -0.82
N PHE A 37 -0.14 0.63 -0.35
CA PHE A 37 -1.50 1.10 -0.41
C PHE A 37 -2.04 1.28 1.00
N ILE A 38 -2.03 2.51 1.50
CA ILE A 38 -2.51 2.82 2.86
C ILE A 38 -3.98 3.06 2.78
N ASN A 39 -4.78 2.30 3.51
CA ASN A 39 -6.24 2.27 3.25
C ASN A 39 -6.97 2.22 4.58
N ASN A 40 -8.20 2.68 4.58
CA ASN A 40 -9.09 2.39 5.69
C ASN A 40 -10.29 2.03 4.93
N PRO A 41 -10.58 0.76 4.86
CA PRO A 41 -11.59 0.36 3.91
C PRO A 41 -13.01 0.65 4.40
N GLY A 42 -13.17 1.26 5.58
CA GLY A 42 -14.42 1.95 5.86
C GLY A 42 -14.70 3.25 5.05
N CYS A 43 -14.42 3.28 3.72
CA CYS A 43 -14.73 4.47 2.86
C CYS A 43 -14.80 4.24 1.33
N HIS A 44 -15.54 5.16 0.68
CA HIS A 44 -15.91 5.08 -0.75
C HIS A 44 -14.73 5.23 -1.73
N ALA A 45 -13.85 6.19 -1.43
CA ALA A 45 -12.65 6.42 -2.19
C ALA A 45 -11.78 5.19 -2.13
N CYS A 46 -11.73 4.52 -0.98
CA CYS A 46 -10.94 3.29 -0.83
CA CYS A 46 -10.95 3.28 -0.85
C CYS A 46 -11.52 2.17 -1.71
N ALA A 47 -12.83 1.99 -1.71
CA ALA A 47 -13.47 0.97 -2.54
C ALA A 47 -13.16 1.23 -4.00
N GLU A 48 -13.22 2.48 -4.44
CA GLU A 48 -12.94 2.74 -5.83
C GLU A 48 -11.46 2.55 -6.15
N ILE A 50 -9.51 0.26 -4.73
CA ILE A 50 -9.40 -1.19 -4.86
C ILE A 50 -9.85 -1.62 -6.24
N GLU A 51 -11.01 -1.13 -6.66
N GLU A 51 -11.02 -1.19 -6.69
CA GLU A 51 -11.52 -1.52 -7.94
CA GLU A 51 -11.51 -1.64 -7.99
C GLU A 51 -10.61 -1.06 -9.07
C GLU A 51 -10.70 -1.02 -9.14
N GLY A 52 -10.07 0.13 -8.94
CA GLY A 52 -9.16 0.67 -9.91
C GLY A 52 -7.89 -0.12 -10.05
N LEU A 53 -7.33 -0.54 -8.90
CA LEU A 53 -6.11 -1.36 -8.93
C LEU A 53 -6.38 -2.71 -9.57
N LYS A 54 -7.53 -3.29 -9.28
CA LYS A 54 -7.89 -4.59 -9.91
C LYS A 54 -8.06 -4.45 -11.43
N ALA A 55 -8.58 -3.31 -11.88
CA ALA A 55 -8.95 -3.13 -13.30
C ALA A 55 -7.78 -2.68 -14.15
N SER A 56 -6.76 -2.08 -13.56
CA SER A 56 -5.72 -1.37 -14.32
C SER A 56 -4.93 -2.31 -15.23
N PRO A 57 -4.95 -2.07 -16.55
CA PRO A 57 -4.12 -2.87 -17.45
C PRO A 57 -2.64 -2.80 -17.07
N VAL A 58 -2.14 -1.60 -16.85
CA VAL A 58 -0.72 -1.46 -16.58
C VAL A 58 -0.29 -2.16 -15.31
N ILE A 59 -1.03 -1.95 -14.24
CA ILE A 59 -0.64 -2.57 -12.99
C ILE A 59 -0.74 -4.07 -13.10
N ASN A 60 -1.82 -4.59 -13.71
N ASN A 60 -1.79 -4.60 -13.72
CA ASN A 60 -2.02 -6.04 -13.92
CA ASN A 60 -1.91 -6.06 -13.84
C ASN A 60 -0.86 -6.66 -14.74
C ASN A 60 -0.83 -6.67 -14.72
N GLY A 61 -0.31 -5.94 -15.71
CA GLY A 61 0.81 -6.47 -16.46
C GLY A 61 2.01 -6.64 -15.54
N PHE A 62 2.26 -5.66 -14.71
CA PHE A 62 3.40 -5.72 -13.78
C PHE A 62 3.20 -6.78 -12.67
N THR A 63 1.99 -6.92 -12.17
CA THR A 63 1.76 -7.95 -11.17
C THR A 63 1.89 -9.36 -11.79
N ALA A 64 1.34 -9.53 -12.98
CA ALA A 64 1.40 -10.84 -13.65
C ALA A 64 2.83 -11.25 -13.98
N ALA A 65 3.68 -10.28 -14.28
CA ALA A 65 5.08 -10.53 -14.57
C ALA A 65 5.92 -10.66 -13.28
N LYS A 66 5.30 -10.54 -12.13
CA LYS A 66 5.93 -10.77 -10.82
C LYS A 66 6.90 -9.69 -10.45
N LYS A 67 6.82 -8.53 -11.11
CA LYS A 67 7.72 -7.38 -10.91
C LYS A 67 7.15 -6.53 -9.75
N LEU A 68 5.83 -6.36 -9.65
CA LEU A 68 5.17 -5.48 -8.70
C LEU A 68 4.32 -6.27 -7.77
N LYS A 69 4.39 -5.95 -6.48
CA LYS A 69 3.53 -6.51 -5.47
C LYS A 69 2.85 -5.35 -4.71
N VAL A 70 1.60 -5.54 -4.44
CA VAL A 70 0.79 -4.62 -3.67
C VAL A 70 0.87 -5.02 -2.19
N LEU A 71 1.24 -4.07 -1.33
CA LEU A 71 1.22 -4.21 0.12
C LEU A 71 0.20 -3.21 0.64
N SER A 72 -0.95 -3.73 1.04
CA SER A 72 -1.95 -2.87 1.62
CA SER A 72 -1.99 -2.91 1.63
C SER A 72 -1.79 -2.84 3.14
N ILE A 73 -1.89 -1.66 3.71
CA ILE A 73 -1.70 -1.46 5.14
C ILE A 73 -2.81 -0.63 5.72
N TYR A 74 -3.44 -1.15 6.75
CA TYR A 74 -4.45 -0.47 7.52
C TYR A 74 -3.85 0.08 8.78
N PRO A 75 -3.87 1.42 8.97
CA PRO A 75 -3.13 2.01 10.10
C PRO A 75 -4.00 2.39 11.30
N ASP A 76 -5.27 2.15 11.21
CA ASP A 76 -6.25 2.60 12.24
C ASP A 76 -6.71 1.46 13.16
N GLU A 77 -7.74 1.70 13.99
CA GLU A 77 -8.08 0.84 15.18
C GLU A 77 -9.15 -0.20 14.97
N GLU A 78 -9.89 -0.16 13.87
CA GLU A 78 -11.08 -0.99 13.73
C GLU A 78 -10.74 -2.30 13.09
N LEU A 79 -10.05 -3.13 13.85
CA LEU A 79 -9.59 -4.40 13.35
C LEU A 79 -10.76 -5.27 12.89
N ASP A 80 -11.85 -5.29 13.66
CA ASP A 80 -12.97 -6.13 13.26
C ASP A 80 -13.56 -5.73 11.89
N GLU A 81 -13.63 -4.45 11.64
CA GLU A 81 -14.11 -3.92 10.36
C GLU A 81 -13.14 -4.15 9.22
N TRP A 82 -11.85 -3.92 9.44
CA TRP A 82 -10.84 -4.40 8.48
C TRP A 82 -11.02 -5.88 8.22
N LYS A 83 -11.21 -6.69 9.26
CA LYS A 83 -11.43 -8.12 9.06
C LYS A 83 -12.71 -8.32 8.23
N LYS A 84 -13.67 -7.41 8.43
CA LYS A 84 -14.92 -7.39 7.65
C LYS A 84 -14.68 -7.09 6.17
N HIS A 85 -13.78 -6.16 5.88
CA HIS A 85 -13.52 -5.73 4.49
C HIS A 85 -12.35 -6.47 3.84
N ARG A 86 -11.70 -7.40 4.54
CA ARG A 86 -10.45 -7.96 4.02
C ARG A 86 -10.56 -8.73 2.70
N ASN A 87 -11.70 -9.37 2.45
CA ASN A 87 -11.86 -10.02 1.17
C ASN A 87 -12.18 -9.11 0.02
N ASP A 88 -12.30 -7.80 0.27
CA ASP A 88 -12.46 -6.82 -0.79
C ASP A 88 -11.17 -6.70 -1.60
N PHE A 89 -10.04 -6.95 -0.95
CA PHE A 89 -8.73 -6.85 -1.57
C PHE A 89 -8.50 -8.05 -2.46
N ALA A 90 -7.74 -7.90 -3.52
CA ALA A 90 -7.33 -9.06 -4.27
C ALA A 90 -6.53 -10.02 -3.41
N LYS A 91 -6.79 -11.33 -3.57
CA LYS A 91 -6.08 -12.33 -2.75
C LYS A 91 -4.57 -12.32 -2.96
N GLU A 92 -4.16 -11.95 -4.17
CA GLU A 92 -2.75 -11.89 -4.51
C GLU A 92 -2.00 -10.82 -3.74
N TRP A 93 -2.70 -9.76 -3.34
CA TRP A 93 -2.05 -8.67 -2.63
C TRP A 93 -1.70 -9.14 -1.21
N THR A 94 -0.77 -8.43 -0.59
CA THR A 94 -0.41 -8.69 0.81
C THR A 94 -1.15 -7.66 1.63
N ASN A 95 -2.11 -8.11 2.44
CA ASN A 95 -3.06 -7.24 3.09
CA ASN A 95 -3.03 -7.18 3.14
C ASN A 95 -2.87 -7.31 4.60
N GLY A 96 -2.34 -6.28 5.21
CA GLY A 96 -2.03 -6.29 6.62
C GLY A 96 -2.56 -5.10 7.38
N TYR A 97 -2.51 -5.21 8.69
CA TYR A 97 -2.83 -4.11 9.60
C TYR A 97 -1.66 -3.82 10.53
N ASP A 98 -1.71 -2.61 11.09
CA ASP A 98 -0.70 -2.13 11.97
C ASP A 98 -1.14 -2.36 13.41
N LYS A 99 -0.79 -3.54 13.92
CA LYS A 99 -1.35 -3.99 15.19
C LYS A 99 -1.11 -3.02 16.30
N GLU A 100 0.12 -2.55 16.40
CA GLU A 100 0.54 -1.67 17.48
C GLU A 100 0.24 -0.18 17.24
N LEU A 101 -0.32 0.15 16.09
CA LEU A 101 -0.59 1.53 15.68
C LEU A 101 0.66 2.41 15.64
N VAL A 102 1.75 1.85 15.16
CA VAL A 102 3.02 2.52 15.07
C VAL A 102 3.04 3.65 14.06
N ILE A 103 2.46 3.41 12.89
CA ILE A 103 2.43 4.44 11.88
C ILE A 103 1.75 5.71 12.41
N LYS A 104 0.62 5.55 13.07
CA LYS A 104 -0.05 6.69 13.69
C LYS A 104 0.76 7.25 14.84
N ASN A 105 1.16 6.39 15.77
CA ASN A 105 1.69 6.93 17.04
C ASN A 105 3.05 7.57 16.87
N LYS A 106 3.83 7.06 15.91
CA LYS A 106 5.13 7.63 15.59
C LYS A 106 5.09 8.56 14.34
N ASN A 107 3.90 8.82 13.80
CA ASN A 107 3.69 9.73 12.65
CA ASN A 107 3.78 9.76 12.65
C ASN A 107 4.66 9.36 11.51
N LEU A 108 4.67 8.09 11.18
CA LEU A 108 5.61 7.60 10.17
C LEU A 108 5.23 7.95 8.73
N TYR A 109 3.92 8.05 8.47
CA TYR A 109 3.35 8.40 7.19
C TYR A 109 2.22 9.39 7.44
N ASP A 110 2.03 10.31 6.53
CA ASP A 110 0.91 11.26 6.54
C ASP A 110 -0.35 10.49 6.19
N LEU A 111 -1.32 10.45 7.10
CA LEU A 111 -2.54 9.70 6.94
C LEU A 111 -3.74 10.59 6.62
N ARG A 112 -3.54 11.89 6.44
CA ARG A 112 -4.68 12.80 6.35
C ARG A 112 -5.56 12.49 5.17
N ALA A 113 -4.97 12.04 4.08
CA ALA A 113 -5.71 11.85 2.84
C ALA A 113 -5.79 10.44 2.36
N ILE A 114 -5.78 9.48 3.24
CA ILE A 114 -6.02 8.04 2.89
CA ILE A 114 -5.91 8.10 2.81
C ILE A 114 -7.31 7.93 2.09
N PRO A 115 -7.38 7.10 1.04
CA PRO A 115 -6.33 6.16 0.60
C PRO A 115 -5.21 6.84 -0.12
N THR A 116 -4.01 6.31 0.09
CA THR A 116 -2.79 6.84 -0.51
CA THR A 116 -2.89 6.84 -0.57
C THR A 116 -1.83 5.75 -0.98
N LEU A 117 -1.22 6.02 -2.12
CA LEU A 117 -0.26 5.13 -2.76
C LEU A 117 1.15 5.68 -2.72
N TYR A 118 2.09 4.79 -2.43
CA TYR A 118 3.52 5.04 -2.65
C TYR A 118 4.06 3.96 -3.56
N LEU A 119 4.86 4.33 -4.55
CA LEU A 119 5.57 3.36 -5.37
C LEU A 119 7.01 3.36 -4.93
N LEU A 120 7.50 2.16 -4.55
CA LEU A 120 8.83 1.98 -3.99
C LEU A 120 9.64 1.02 -4.87
N ASP A 121 10.94 1.26 -4.99
CA ASP A 121 11.82 0.35 -5.71
C ASP A 121 12.22 -0.83 -4.81
N LYS A 122 13.14 -1.65 -5.32
CA LYS A 122 13.49 -2.89 -4.64
C LYS A 122 14.08 -2.65 -3.27
N ASN A 123 14.72 -1.51 -3.08
CA ASN A 123 15.34 -1.11 -1.82
C ASN A 123 14.42 -0.28 -0.95
N LYS A 124 13.19 -0.10 -1.38
CA LYS A 124 12.18 0.72 -0.68
C LYS A 124 12.47 2.22 -0.80
N THR A 125 13.25 2.60 -1.79
CA THR A 125 13.38 4.02 -2.14
C THR A 125 12.07 4.48 -2.79
N VAL A 126 11.63 5.68 -2.39
CA VAL A 126 10.40 6.24 -2.88
C VAL A 126 10.57 6.71 -4.31
N LEU A 127 9.83 6.08 -5.23
CA LEU A 127 9.71 6.48 -6.63
C LEU A 127 8.57 7.45 -6.84
N LEU A 128 7.43 7.25 -6.17
CA LEU A 128 6.31 8.16 -6.19
C LEU A 128 5.74 8.23 -4.77
N LYS A 129 5.56 9.45 -4.28
CA LYS A 129 4.97 9.74 -2.99
C LYS A 129 3.52 10.19 -3.16
N ASP A 130 2.56 9.56 -2.47
CA ASP A 130 1.19 9.98 -2.48
CA ASP A 130 1.17 10.06 -2.48
C ASP A 130 0.69 10.24 -3.92
N ALA A 131 0.82 9.24 -4.73
CA ALA A 131 0.45 9.29 -6.14
C ALA A 131 -0.97 8.84 -6.35
N THR A 132 -1.62 9.42 -7.34
CA THR A 132 -2.83 8.84 -7.83
C THR A 132 -2.57 7.53 -8.56
N LEU A 133 -3.60 6.71 -8.72
CA LEU A 133 -3.45 5.51 -9.50
C LEU A 133 -2.99 5.83 -10.90
N GLN A 134 -3.56 6.87 -11.53
CA GLN A 134 -3.15 7.18 -12.88
C GLN A 134 -1.69 7.62 -13.00
N LYS A 135 -1.18 8.28 -11.98
CA LYS A 135 0.24 8.64 -11.98
C LYS A 135 1.14 7.38 -11.87
N VAL A 136 0.72 6.42 -11.04
CA VAL A 136 1.46 5.15 -10.95
C VAL A 136 1.46 4.46 -12.32
N GLU A 137 0.31 4.43 -12.99
CA GLU A 137 0.22 3.77 -14.29
C GLU A 137 1.14 4.47 -15.30
N GLN A 138 1.11 5.80 -15.30
CA GLN A 138 1.95 6.55 -16.21
CA GLN A 138 1.97 6.57 -16.21
C GLN A 138 3.44 6.28 -15.99
N TYR A 139 3.83 6.25 -14.73
CA TYR A 139 5.24 6.00 -14.38
C TYR A 139 5.67 4.63 -14.88
N LEU A 140 4.84 3.62 -14.60
CA LEU A 140 5.20 2.26 -14.96
C LEU A 140 5.14 1.99 -16.47
N ALA A 141 4.29 2.68 -17.21
CA ALA A 141 4.19 2.49 -18.65
C ALA A 141 5.32 3.19 -19.41
N GLU A 142 6.09 4.02 -18.76
CA GLU A 142 7.25 4.71 -19.39
C GLU A 142 8.21 3.74 -20.02
#